data_4MZ5
#
_entry.id   4MZ5
#
_cell.length_a   77.876
_cell.length_b   89.995
_cell.length_c   99.729
_cell.angle_alpha   90.00
_cell.angle_beta   90.00
_cell.angle_gamma   90.00
#
_symmetry.space_group_name_H-M   'P 21 21 21'
#
loop_
_entity.id
_entity.type
_entity.pdbx_description
1 polymer "Deoxyuridine 5'-triphosphate nucleotidohydrolase, mitochondrial"
2 polymer 'Importin subunit alpha-1'
3 water water
#
loop_
_entity_poly.entity_id
_entity_poly.type
_entity_poly.pdbx_seq_one_letter_code
_entity_poly.pdbx_strand_id
1 'polypeptide(L)' AISPSKRARPAEV A,C
2 'polypeptide(L)'
;MHHHHHHSSGLVPRGSGMLETAAALFERNHMDSPDLGTDDDDLAMADIGSNQGTVNWSVEDIVKGINSNNLESQLQATQA
ARKLLSREKQPPIDNIIRAGLIPKFVSFLGKTDCSPIQFESAWALTNIASGTSEQTKAVVDGGAIPAFISLLASPHAHIS
EQAVWALGNIAGDGSAFRDLVIKHGAIDPLLALLAVPDLSTLACGYLRNLTWTLSNLCRNKNPAPPLDAVEQILPTLVRL
LHHNDPEVLADSCWAISYLTDGPNERIEMVVKKGVVPQLVKLLGATELPIVTPALRAIGNIVTGTDEQTQKVIDAGALAV
FPSLLTNPKTNIQKEATWTMSNITAGRQDQIQQVVNHGLVPFLVGVLSKADFKTQKEAAWAITNYTSGGTVEQIVYLVHC
GIIEPLMNLLSAKDTKIIQVILDAISNIFQAAEKLGETEKLSIMIEECGGLDKIEALQRHENESVYKASLNLIEKYFSVE
EEEDQNVVPETTSEGFAFQVQDGAPGTFN
;
E
#
# COMPACT_ATOMS: atom_id res chain seq x y z
N SER A 3 -11.58 -14.37 13.47
CA SER A 3 -12.37 -13.41 12.71
C SER A 3 -12.62 -12.08 13.44
N PRO A 4 -13.24 -12.11 14.64
CA PRO A 4 -13.57 -10.83 15.28
C PRO A 4 -12.31 -10.12 15.78
N SER A 5 -11.25 -10.89 15.99
CA SER A 5 -9.99 -10.36 16.51
C SER A 5 -9.03 -9.91 15.41
N LYS A 6 -9.44 -10.02 14.14
CA LYS A 6 -8.66 -9.44 13.05
C LYS A 6 -8.69 -7.93 13.22
N ARG A 7 -7.55 -7.27 13.05
CA ARG A 7 -7.51 -5.81 13.12
C ARG A 7 -7.09 -5.19 11.79
N ALA A 8 -7.55 -3.97 11.54
CA ALA A 8 -7.06 -3.20 10.40
C ALA A 8 -5.69 -2.58 10.69
N ARG A 9 -4.96 -2.28 9.62
CA ARG A 9 -3.70 -1.55 9.72
C ARG A 9 -3.98 -0.22 10.41
N PRO A 10 -3.15 0.13 11.40
CA PRO A 10 -3.35 1.41 12.10
C PRO A 10 -2.50 2.53 11.48
N ALA B 1 8.77 2.24 -0.86
CA ALA B 1 7.94 2.43 0.33
C ALA B 1 6.52 2.86 -0.02
N ILE B 2 6.39 3.79 -0.97
CA ILE B 2 5.09 4.25 -1.47
C ILE B 2 5.17 4.53 -2.97
N SER B 3 4.11 4.20 -3.72
CA SER B 3 4.04 4.54 -5.13
C SER B 3 3.33 5.88 -5.25
N PRO B 4 3.97 6.87 -5.89
CA PRO B 4 3.38 8.21 -5.94
C PRO B 4 2.13 8.24 -6.79
N SER B 5 1.15 9.05 -6.40
CA SER B 5 -0.15 9.07 -7.06
C SER B 5 -0.07 9.92 -8.31
N LYS B 6 0.85 10.89 -8.29
CA LYS B 6 1.09 11.78 -9.44
C LYS B 6 2.57 11.86 -9.74
N ARG B 7 2.91 12.09 -11.02
CA ARG B 7 4.31 12.11 -11.48
C ARG B 7 4.46 13.13 -12.58
N ALA B 8 5.39 14.06 -12.42
CA ALA B 8 5.73 15.00 -13.49
C ALA B 8 6.73 14.33 -14.42
N ARG B 9 6.69 14.67 -15.71
CA ARG B 9 7.74 14.24 -16.62
C ARG B 9 8.86 15.28 -16.66
N PRO B 10 10.05 14.92 -16.15
CA PRO B 10 11.15 15.87 -16.00
C PRO B 10 11.87 16.13 -17.32
N ALA B 11 12.71 17.16 -17.37
CA ALA B 11 13.53 17.44 -18.54
C ALA B 11 14.63 16.40 -18.67
N GLU B 12 15.02 16.08 -19.90
CA GLU B 12 16.08 15.09 -20.12
C GLU B 12 17.43 15.60 -19.62
N GLN C 52 16.91 24.86 -30.48
CA GLN C 52 15.95 24.82 -29.40
C GLN C 52 15.81 26.18 -28.72
N GLY C 53 15.42 27.18 -29.51
CA GLY C 53 15.25 28.53 -28.99
C GLY C 53 13.97 28.69 -28.19
N THR C 54 13.43 27.56 -27.72
CA THR C 54 12.21 27.58 -26.93
C THR C 54 12.58 27.48 -25.45
N VAL C 55 13.82 27.83 -25.13
CA VAL C 55 14.28 27.76 -23.74
C VAL C 55 14.09 29.08 -23.01
N ASN C 56 13.59 29.00 -21.77
CA ASN C 56 13.43 30.17 -20.92
C ASN C 56 12.56 31.29 -21.51
N TRP C 57 11.38 30.94 -22.00
CA TRP C 57 10.44 31.95 -22.46
C TRP C 57 9.72 32.54 -21.27
N SER C 58 9.18 33.74 -21.43
CA SER C 58 8.25 34.27 -20.44
C SER C 58 6.89 33.68 -20.75
N VAL C 59 6.00 33.71 -19.76
CA VAL C 59 4.62 33.27 -19.97
C VAL C 59 3.96 34.17 -21.00
N GLU C 60 4.31 35.45 -20.95
CA GLU C 60 3.75 36.43 -21.87
C GLU C 60 4.08 36.07 -23.31
N ASP C 61 5.33 35.68 -23.56
CA ASP C 61 5.74 35.31 -24.92
C ASP C 61 5.08 34.02 -25.37
N ILE C 62 4.87 33.10 -24.44
CA ILE C 62 4.20 31.86 -24.74
C ILE C 62 2.76 32.16 -25.17
N VAL C 63 2.10 33.03 -24.42
CA VAL C 63 0.72 33.41 -24.70
C VAL C 63 0.63 34.06 -26.08
N LYS C 64 1.60 34.93 -26.35
CA LYS C 64 1.69 35.63 -27.63
C LYS C 64 1.73 34.66 -28.80
N GLY C 65 2.61 33.67 -28.73
CA GLY C 65 2.74 32.67 -29.78
C GLY C 65 1.53 31.77 -29.92
N ILE C 66 0.94 31.40 -28.79
CA ILE C 66 -0.21 30.50 -28.82
C ILE C 66 -1.45 31.16 -29.43
N ASN C 67 -1.61 32.47 -29.18
CA ASN C 67 -2.72 33.23 -29.75
C ASN C 67 -2.49 33.72 -31.18
N SER C 68 -1.48 33.20 -31.87
CA SER C 68 -1.06 33.75 -33.15
C SER C 68 -1.80 33.25 -34.39
N ASN C 69 -2.50 32.11 -34.27
CA ASN C 69 -3.13 31.47 -35.44
C ASN C 69 -2.12 31.00 -36.49
N ASN C 70 -0.85 30.90 -36.09
CA ASN C 70 0.18 30.28 -36.91
C ASN C 70 0.52 28.99 -36.19
N LEU C 71 0.22 27.86 -36.83
CA LEU C 71 0.32 26.56 -36.17
C LEU C 71 1.76 26.29 -35.73
N GLU C 72 2.71 26.67 -36.57
CA GLU C 72 4.12 26.54 -36.23
C GLU C 72 4.53 27.44 -35.06
N SER C 73 4.05 28.69 -35.08
CA SER C 73 4.28 29.58 -33.95
C SER C 73 3.67 28.99 -32.68
N GLN C 74 2.48 28.42 -32.81
CA GLN C 74 1.83 27.76 -31.68
C GLN C 74 2.66 26.57 -31.20
N LEU C 75 3.20 25.82 -32.15
CA LEU C 75 3.99 24.64 -31.81
C LEU C 75 5.21 25.03 -30.98
N GLN C 76 5.95 26.05 -31.42
CA GLN C 76 7.16 26.42 -30.70
C GLN C 76 6.84 27.06 -29.33
N ALA C 77 5.76 27.83 -29.26
CA ALA C 77 5.35 28.40 -27.99
C ALA C 77 4.88 27.31 -27.03
N THR C 78 4.29 26.25 -27.58
CA THR C 78 3.82 25.14 -26.73
C THR C 78 5.01 24.37 -26.19
N GLN C 79 6.03 24.21 -27.03
CA GLN C 79 7.26 23.56 -26.60
C GLN C 79 7.93 24.37 -25.49
N ALA C 80 7.95 25.68 -25.65
CA ALA C 80 8.47 26.56 -24.62
C ALA C 80 7.73 26.37 -23.29
N ALA C 81 6.43 26.16 -23.36
CA ALA C 81 5.65 25.89 -22.16
C ALA C 81 6.04 24.54 -21.56
N ARG C 82 6.20 23.53 -22.41
CA ARG C 82 6.61 22.21 -21.97
C ARG C 82 7.91 22.28 -21.17
N LYS C 83 8.85 23.10 -21.64
CA LYS C 83 10.16 23.23 -21.01
C LYS C 83 10.09 23.94 -19.67
N LEU C 84 9.31 25.01 -19.62
CA LEU C 84 9.08 25.70 -18.35
C LEU C 84 8.44 24.73 -17.36
N LEU C 85 7.48 23.95 -17.85
CA LEU C 85 6.69 23.10 -17.00
C LEU C 85 7.41 21.84 -16.59
N SER C 86 8.52 21.55 -17.26
CA SER C 86 9.26 20.33 -16.94
C SER C 86 10.53 20.61 -16.18
N ARG C 87 10.61 21.80 -15.58
CA ARG C 87 11.80 22.15 -14.79
C ARG C 87 11.62 21.73 -13.34
N GLU C 88 12.73 21.40 -12.70
CA GLU C 88 12.72 20.86 -11.33
C GLU C 88 12.25 21.89 -10.32
N LYS C 89 12.92 23.04 -10.30
CA LYS C 89 12.59 24.11 -9.36
C LYS C 89 11.35 24.89 -9.76
N GLN C 90 10.35 24.83 -8.90
CA GLN C 90 9.12 25.63 -9.00
C GLN C 90 8.63 25.93 -10.40
N PRO C 91 8.27 24.89 -11.17
CA PRO C 91 7.67 25.16 -12.48
C PRO C 91 6.42 25.99 -12.29
N PRO C 92 6.25 27.05 -13.11
CA PRO C 92 5.19 28.05 -12.96
C PRO C 92 3.82 27.55 -13.43
N ILE C 93 3.34 26.49 -12.79
CA ILE C 93 2.05 25.87 -13.11
C ILE C 93 0.89 26.86 -12.99
N ASP C 94 0.81 27.56 -11.86
CA ASP C 94 -0.29 28.51 -11.63
C ASP C 94 -0.28 29.68 -12.63
N ASN C 95 0.91 30.21 -12.92
CA ASN C 95 1.04 31.26 -13.92
C ASN C 95 0.56 30.81 -15.30
N ILE C 96 0.90 29.58 -15.67
CA ILE C 96 0.40 29.00 -16.92
C ILE C 96 -1.13 28.87 -16.88
N ILE C 97 -1.67 28.38 -15.76
CA ILE C 97 -3.12 28.27 -15.60
C ILE C 97 -3.81 29.64 -15.68
N ARG C 98 -3.27 30.64 -14.98
CA ARG C 98 -3.85 31.99 -14.98
C ARG C 98 -3.86 32.63 -16.36
N ALA C 99 -2.89 32.26 -17.20
CA ALA C 99 -2.80 32.84 -18.54
C ALA C 99 -3.89 32.27 -19.45
N GLY C 100 -4.64 31.28 -18.97
CA GLY C 100 -5.74 30.72 -19.75
C GLY C 100 -5.25 29.78 -20.85
N LEU C 101 -4.12 29.13 -20.61
CA LEU C 101 -3.50 28.30 -21.65
C LEU C 101 -4.08 26.88 -21.77
N ILE C 102 -4.71 26.38 -20.71
CA ILE C 102 -5.21 25.01 -20.70
C ILE C 102 -6.18 24.66 -21.84
N PRO C 103 -7.20 25.50 -22.10
CA PRO C 103 -8.10 25.18 -23.22
C PRO C 103 -7.35 25.11 -24.55
N LYS C 104 -6.29 25.89 -24.69
CA LYS C 104 -5.52 25.89 -25.91
C LYS C 104 -4.78 24.59 -26.06
N PHE C 105 -4.10 24.19 -24.97
CA PHE C 105 -3.38 22.92 -24.95
C PHE C 105 -4.31 21.77 -25.28
N VAL C 106 -5.49 21.79 -24.69
CA VAL C 106 -6.46 20.71 -24.90
C VAL C 106 -6.87 20.63 -26.36
N SER C 107 -7.12 21.79 -26.98
CA SER C 107 -7.50 21.83 -28.40
C SER C 107 -6.36 21.27 -29.23
N PHE C 108 -5.12 21.53 -28.82
CA PHE C 108 -3.95 21.04 -29.53
C PHE C 108 -3.85 19.50 -29.54
N LEU C 109 -4.39 18.85 -28.50
CA LEU C 109 -4.36 17.39 -28.43
C LEU C 109 -5.09 16.78 -29.62
N GLY C 110 -6.02 17.54 -30.21
CA GLY C 110 -6.85 17.03 -31.27
C GLY C 110 -6.29 17.29 -32.66
N LYS C 111 -5.13 17.93 -32.72
CA LYS C 111 -4.52 18.24 -34.01
C LYS C 111 -3.80 17.04 -34.59
N THR C 112 -4.57 16.10 -35.11
CA THR C 112 -4.05 14.87 -35.73
C THR C 112 -3.02 15.17 -36.82
N ASP C 113 -3.23 16.27 -37.53
CA ASP C 113 -2.34 16.68 -38.62
C ASP C 113 -1.00 17.25 -38.13
N CYS C 114 -0.89 17.56 -36.84
CA CYS C 114 0.38 18.09 -36.30
C CYS C 114 0.82 17.34 -35.04
N SER C 115 1.35 16.14 -35.23
CA SER C 115 1.80 15.28 -34.11
C SER C 115 2.73 15.95 -33.07
N PRO C 116 3.70 16.77 -33.52
CA PRO C 116 4.58 17.38 -32.50
C PRO C 116 3.81 18.23 -31.48
N ILE C 117 2.81 18.99 -31.92
CA ILE C 117 2.10 19.83 -30.97
C ILE C 117 1.17 18.99 -30.08
N GLN C 118 0.69 17.87 -30.61
CA GLN C 118 -0.05 16.91 -29.78
C GLN C 118 0.86 16.45 -28.65
N PHE C 119 2.11 16.15 -28.99
CA PHE C 119 3.07 15.66 -28.00
C PHE C 119 3.40 16.73 -26.97
N GLU C 120 3.75 17.91 -27.46
CA GLU C 120 4.15 19.00 -26.59
C GLU C 120 3.05 19.38 -25.60
N SER C 121 1.80 19.41 -26.07
CA SER C 121 0.72 19.83 -25.20
C SER C 121 0.38 18.72 -24.21
N ALA C 122 0.49 17.47 -24.66
CA ALA C 122 0.26 16.31 -23.80
C ALA C 122 1.24 16.34 -22.62
N TRP C 123 2.51 16.54 -22.93
CA TRP C 123 3.54 16.71 -21.92
C TRP C 123 3.23 17.89 -20.99
N ALA C 124 2.96 19.06 -21.55
CA ALA C 124 2.60 20.23 -20.76
C ALA C 124 1.39 19.99 -19.82
N LEU C 125 0.34 19.38 -20.36
CA LEU C 125 -0.84 19.10 -19.55
C LEU C 125 -0.56 18.04 -18.49
N THR C 126 0.34 17.10 -18.81
CA THR C 126 0.73 16.07 -17.86
C THR C 126 1.34 16.71 -16.63
N ASN C 127 2.21 17.69 -16.84
CA ASN C 127 2.94 18.27 -15.73
C ASN C 127 2.06 19.20 -14.89
N ILE C 128 1.08 19.83 -15.54
CA ILE C 128 0.07 20.57 -14.80
C ILE C 128 -0.82 19.62 -13.97
N ALA C 129 -1.23 18.49 -14.54
CA ALA C 129 -2.10 17.56 -13.82
C ALA C 129 -1.37 16.85 -12.68
N SER C 130 -0.05 16.89 -12.69
CA SER C 130 0.74 16.26 -11.64
C SER C 130 0.81 17.13 -10.39
N GLY C 131 0.21 18.32 -10.45
CA GLY C 131 0.32 19.27 -9.35
C GLY C 131 -0.68 18.99 -8.24
N THR C 132 -1.21 20.04 -7.61
CA THR C 132 -2.23 19.89 -6.59
C THR C 132 -3.56 19.48 -7.19
N SER C 133 -4.52 19.14 -6.33
CA SER C 133 -5.85 18.79 -6.78
C SER C 133 -6.46 19.92 -7.60
N GLU C 134 -6.32 21.15 -7.11
CA GLU C 134 -6.84 22.30 -7.83
C GLU C 134 -6.19 22.42 -9.22
N GLN C 135 -4.92 22.07 -9.32
CA GLN C 135 -4.23 22.15 -10.60
C GLN C 135 -4.68 20.99 -11.50
N THR C 136 -4.81 19.81 -10.92
CA THR C 136 -5.34 18.67 -11.68
C THR C 136 -6.76 19.00 -12.19
N LYS C 137 -7.58 19.59 -11.32
CA LYS C 137 -8.95 19.96 -11.67
C LYS C 137 -9.01 20.92 -12.88
N ALA C 138 -8.06 21.85 -12.97
CA ALA C 138 -8.08 22.81 -14.09
C ALA C 138 -7.88 22.08 -15.41
N VAL C 139 -7.06 21.03 -15.39
CA VAL C 139 -6.83 20.20 -16.58
C VAL C 139 -8.11 19.46 -16.97
N VAL C 140 -8.75 18.85 -15.97
CA VAL C 140 -10.02 18.15 -16.20
C VAL C 140 -11.10 19.12 -16.68
N ASP C 141 -11.19 20.28 -16.03
CA ASP C 141 -12.20 21.28 -16.41
C ASP C 141 -12.04 21.79 -17.84
N GLY C 142 -10.84 21.68 -18.41
CA GLY C 142 -10.62 22.09 -19.79
C GLY C 142 -11.00 20.99 -20.78
N GLY C 143 -11.55 19.89 -20.30
CA GLY C 143 -11.98 18.79 -21.15
C GLY C 143 -10.88 17.83 -21.59
N ALA C 144 -9.77 17.82 -20.85
CA ALA C 144 -8.60 17.00 -21.23
C ALA C 144 -8.89 15.50 -21.26
N ILE C 145 -9.83 15.05 -20.44
CA ILE C 145 -10.05 13.62 -20.30
C ILE C 145 -10.43 12.92 -21.61
N PRO C 146 -11.52 13.34 -22.28
CA PRO C 146 -11.82 12.61 -23.52
C PRO C 146 -10.74 12.82 -24.58
N ALA C 147 -10.11 13.99 -24.55
CA ALA C 147 -9.02 14.27 -25.49
C ALA C 147 -7.83 13.32 -25.30
N PHE C 148 -7.45 13.07 -24.05
CA PHE C 148 -6.37 12.12 -23.79
C PHE C 148 -6.76 10.69 -24.15
N ILE C 149 -8.02 10.33 -23.89
CA ILE C 149 -8.48 8.99 -24.23
C ILE C 149 -8.45 8.74 -25.73
N SER C 150 -8.83 9.74 -26.53
CA SER C 150 -8.72 9.64 -27.98
C SER C 150 -7.27 9.44 -28.39
N LEU C 151 -6.35 10.03 -27.65
CA LEU C 151 -4.92 9.93 -27.98
C LEU C 151 -4.34 8.54 -27.74
N LEU C 152 -5.00 7.72 -26.93
CA LEU C 152 -4.48 6.38 -26.64
C LEU C 152 -4.38 5.56 -27.93
N ALA C 153 -5.19 5.91 -28.93
CA ALA C 153 -5.17 5.18 -30.19
C ALA C 153 -4.20 5.76 -31.22
N SER C 154 -3.40 6.75 -30.82
CA SER C 154 -2.43 7.36 -31.72
C SER C 154 -1.40 6.35 -32.27
N PRO C 155 -0.97 6.56 -33.53
CA PRO C 155 0.05 5.70 -34.15
C PRO C 155 1.44 6.03 -33.63
N HIS C 156 1.59 7.18 -32.99
CA HIS C 156 2.88 7.56 -32.40
C HIS C 156 2.97 7.14 -30.94
N ALA C 157 3.77 6.10 -30.69
CA ALA C 157 3.94 5.55 -29.35
C ALA C 157 4.29 6.60 -28.27
N HIS C 158 5.13 7.57 -28.60
CA HIS C 158 5.50 8.60 -27.63
C HIS C 158 4.32 9.52 -27.27
N ILE C 159 3.33 9.57 -28.15
CA ILE C 159 2.10 10.33 -27.88
C ILE C 159 1.07 9.51 -27.07
N SER C 160 0.85 8.26 -27.45
CA SER C 160 -0.04 7.41 -26.66
C SER C 160 0.54 7.23 -25.26
N GLU C 161 1.85 7.08 -25.17
CA GLU C 161 2.48 6.98 -23.87
C GLU C 161 2.21 8.23 -23.03
N GLN C 162 2.32 9.40 -23.64
CA GLN C 162 2.12 10.65 -22.90
C GLN C 162 0.66 10.78 -22.45
N ALA C 163 -0.26 10.28 -23.27
CA ALA C 163 -1.66 10.27 -22.85
C ALA C 163 -1.89 9.33 -21.66
N VAL C 164 -1.26 8.15 -21.70
CA VAL C 164 -1.35 7.20 -20.61
C VAL C 164 -0.90 7.88 -19.31
N TRP C 165 0.26 8.52 -19.38
CA TRP C 165 0.85 9.22 -18.25
C TRP C 165 -0.15 10.24 -17.70
N ALA C 166 -0.66 11.10 -18.57
CA ALA C 166 -1.59 12.15 -18.14
C ALA C 166 -2.85 11.59 -17.48
N LEU C 167 -3.39 10.51 -18.03
CA LEU C 167 -4.59 9.94 -17.47
C LEU C 167 -4.24 9.39 -16.08
N GLY C 168 -3.03 8.85 -15.93
CA GLY C 168 -2.57 8.33 -14.64
C GLY C 168 -2.55 9.42 -13.56
N ASN C 169 -2.16 10.63 -13.96
CA ASN C 169 -2.10 11.77 -13.03
C ASN C 169 -3.47 12.25 -12.64
N ILE C 170 -4.39 12.24 -13.60
CA ILE C 170 -5.76 12.64 -13.31
C ILE C 170 -6.43 11.61 -12.39
N ALA C 171 -6.34 10.33 -12.75
CA ALA C 171 -6.92 9.29 -11.92
C ALA C 171 -6.26 9.26 -10.55
N GLY C 172 -4.96 9.56 -10.50
CA GLY C 172 -4.22 9.57 -9.26
C GLY C 172 -4.67 10.63 -8.26
N ASP C 173 -5.49 11.57 -8.70
CA ASP C 173 -5.93 12.62 -7.80
C ASP C 173 -6.84 12.15 -6.67
N GLY C 174 -7.63 11.12 -6.93
CA GLY C 174 -8.62 10.67 -5.95
C GLY C 174 -9.73 9.88 -6.62
N SER C 175 -10.64 9.37 -5.81
CA SER C 175 -11.66 8.45 -6.33
C SER C 175 -12.60 9.08 -7.36
N ALA C 176 -12.95 10.34 -7.17
CA ALA C 176 -13.89 11.01 -8.07
C ALA C 176 -13.31 11.15 -9.48
N PHE C 177 -12.06 11.59 -9.59
CA PHE C 177 -11.45 11.71 -10.91
C PHE C 177 -11.10 10.34 -11.49
N ARG C 178 -10.75 9.40 -10.62
CA ARG C 178 -10.51 8.01 -11.03
C ARG C 178 -11.77 7.50 -11.71
N ASP C 179 -12.90 7.67 -11.04
CA ASP C 179 -14.17 7.15 -11.55
C ASP C 179 -14.62 7.93 -12.78
N LEU C 180 -14.23 9.19 -12.88
CA LEU C 180 -14.59 9.99 -14.07
C LEU C 180 -13.80 9.54 -15.31
N VAL C 181 -12.53 9.22 -15.11
CA VAL C 181 -11.69 8.66 -16.18
C VAL C 181 -12.26 7.31 -16.66
N ILE C 182 -12.78 6.52 -15.72
CA ILE C 182 -13.40 5.24 -16.07
C ILE C 182 -14.69 5.47 -16.86
N LYS C 183 -15.54 6.38 -16.40
CA LYS C 183 -16.78 6.70 -17.08
C LYS C 183 -16.57 7.17 -18.53
N HIS C 184 -15.47 7.86 -18.79
CA HIS C 184 -15.14 8.32 -20.14
C HIS C 184 -14.63 7.20 -21.04
N GLY C 185 -14.40 6.03 -20.45
CA GLY C 185 -14.10 4.83 -21.22
C GLY C 185 -12.62 4.62 -21.45
N ALA C 186 -11.80 4.96 -20.46
CA ALA C 186 -10.35 4.79 -20.61
C ALA C 186 -9.89 3.34 -20.58
N ILE C 187 -10.58 2.49 -19.83
CA ILE C 187 -10.05 1.15 -19.54
C ILE C 187 -9.84 0.31 -20.80
N ASP C 188 -10.83 0.29 -21.70
CA ASP C 188 -10.70 -0.50 -22.93
C ASP C 188 -9.47 -0.14 -23.78
N PRO C 189 -9.30 1.15 -24.15
CA PRO C 189 -8.11 1.47 -24.95
C PRO C 189 -6.80 1.29 -24.20
N LEU C 190 -6.80 1.44 -22.87
CA LEU C 190 -5.60 1.16 -22.10
C LEU C 190 -5.24 -0.33 -22.18
N LEU C 191 -6.22 -1.20 -21.95
CA LEU C 191 -5.96 -2.64 -21.97
C LEU C 191 -5.57 -3.12 -23.37
N ALA C 192 -6.07 -2.45 -24.41
CA ALA C 192 -5.73 -2.84 -25.78
C ALA C 192 -4.26 -2.63 -26.06
N LEU C 193 -3.65 -1.64 -25.40
CA LEU C 193 -2.23 -1.38 -25.55
C LEU C 193 -1.40 -2.56 -25.04
N LEU C 194 -1.99 -3.36 -24.15
CA LEU C 194 -1.28 -4.51 -23.57
C LEU C 194 -1.76 -5.84 -24.16
N ALA C 195 -2.61 -5.78 -25.18
CA ALA C 195 -3.10 -6.98 -25.83
C ALA C 195 -2.08 -7.49 -26.84
N VAL C 196 -0.96 -8.00 -26.33
CA VAL C 196 0.11 -8.55 -27.16
C VAL C 196 0.51 -9.92 -26.62
N PRO C 197 1.06 -10.79 -27.49
CA PRO C 197 1.48 -12.12 -27.05
C PRO C 197 2.53 -12.10 -25.94
N ASP C 198 3.50 -11.20 -26.06
CA ASP C 198 4.60 -11.13 -25.09
C ASP C 198 4.86 -9.67 -24.72
N LEU C 199 4.69 -9.34 -23.45
CA LEU C 199 4.89 -7.98 -22.94
C LEU C 199 6.31 -7.46 -23.22
N SER C 200 7.26 -8.39 -23.33
CA SER C 200 8.66 -8.05 -23.55
C SER C 200 8.92 -7.36 -24.88
N THR C 201 7.97 -7.40 -25.80
CA THR C 201 8.15 -6.72 -27.08
C THR C 201 7.85 -5.23 -26.97
N LEU C 202 7.30 -4.83 -25.82
CA LEU C 202 6.96 -3.43 -25.60
C LEU C 202 8.16 -2.69 -25.02
N ALA C 203 8.23 -1.40 -25.29
CA ALA C 203 9.28 -0.56 -24.72
C ALA C 203 9.13 -0.54 -23.20
N CYS C 204 10.25 -0.66 -22.51
CA CYS C 204 10.28 -0.73 -21.06
C CYS C 204 9.58 0.47 -20.41
N GLY C 205 9.98 1.68 -20.82
CA GLY C 205 9.37 2.89 -20.28
C GLY C 205 7.86 2.96 -20.50
N TYR C 206 7.43 2.58 -21.70
CA TYR C 206 6.02 2.55 -22.06
C TYR C 206 5.25 1.58 -21.15
N LEU C 207 5.75 0.35 -21.03
CA LEU C 207 5.10 -0.66 -20.20
C LEU C 207 5.00 -0.22 -18.74
N ARG C 208 6.08 0.41 -18.24
CA ARG C 208 6.08 0.95 -16.88
C ARG C 208 5.02 2.01 -16.67
N ASN C 209 4.90 2.92 -17.64
CA ASN C 209 3.86 3.95 -17.54
C ASN C 209 2.44 3.36 -17.54
N LEU C 210 2.21 2.37 -18.40
CA LEU C 210 0.89 1.73 -18.45
C LEU C 210 0.57 1.06 -17.12
N THR C 211 1.53 0.31 -16.58
CA THR C 211 1.33 -0.38 -15.30
C THR C 211 1.00 0.62 -14.18
N TRP C 212 1.77 1.69 -14.12
CA TRP C 212 1.54 2.72 -13.11
C TRP C 212 0.15 3.33 -13.21
N THR C 213 -0.27 3.65 -14.44
CA THR C 213 -1.60 4.24 -14.62
C THR C 213 -2.71 3.25 -14.24
N LEU C 214 -2.56 1.99 -14.64
CA LEU C 214 -3.54 0.97 -14.26
C LEU C 214 -3.65 0.87 -12.74
N SER C 215 -2.52 0.98 -12.03
CA SER C 215 -2.54 0.88 -10.58
C SER C 215 -3.30 2.05 -9.98
N ASN C 216 -3.30 3.20 -10.66
CA ASN C 216 -4.05 4.34 -10.14
C ASN C 216 -5.55 4.17 -10.34
N LEU C 217 -5.94 3.34 -11.31
CA LEU C 217 -7.36 3.03 -11.48
C LEU C 217 -7.79 2.03 -10.41
N CYS C 218 -6.82 1.32 -9.83
CA CYS C 218 -7.10 0.37 -8.75
C CYS C 218 -7.09 1.04 -7.38
N ARG C 219 -6.69 2.31 -7.35
CA ARG C 219 -6.28 2.97 -6.12
C ARG C 219 -7.43 3.73 -5.47
N ASN C 220 -7.31 3.92 -4.15
CA ASN C 220 -8.22 4.75 -3.35
C ASN C 220 -9.54 4.09 -2.95
N LYS C 221 -10.13 4.65 -1.89
CA LYS C 221 -11.34 4.14 -1.29
C LYS C 221 -12.33 5.28 -1.05
N ASN C 222 -13.49 4.96 -0.49
CA ASN C 222 -14.56 5.93 -0.29
C ASN C 222 -14.92 6.70 -1.56
N PRO C 223 -15.33 5.99 -2.61
CA PRO C 223 -15.55 4.55 -2.69
C PRO C 223 -14.38 3.81 -3.33
N ALA C 224 -14.33 2.49 -3.12
CA ALA C 224 -13.40 1.65 -3.88
C ALA C 224 -13.78 1.71 -5.38
N PRO C 225 -12.88 1.29 -6.27
CA PRO C 225 -13.22 1.38 -7.70
C PRO C 225 -14.40 0.49 -8.07
N PRO C 226 -15.08 0.78 -9.18
CA PRO C 226 -16.27 -0.03 -9.52
C PRO C 226 -15.90 -1.48 -9.73
N LEU C 227 -16.75 -2.39 -9.26
CA LEU C 227 -16.47 -3.82 -9.37
C LEU C 227 -16.22 -4.25 -10.80
N ASP C 228 -17.03 -3.77 -11.75
CA ASP C 228 -16.85 -4.19 -13.13
C ASP C 228 -15.53 -3.69 -13.71
N ALA C 229 -15.12 -2.49 -13.30
CA ALA C 229 -13.81 -1.97 -13.65
C ALA C 229 -12.69 -2.91 -13.15
N VAL C 230 -12.77 -3.27 -11.88
CA VAL C 230 -11.75 -4.12 -11.26
C VAL C 230 -11.73 -5.47 -11.96
N GLU C 231 -12.91 -6.00 -12.24
CA GLU C 231 -13.07 -7.27 -12.95
C GLU C 231 -12.35 -7.20 -14.30
N GLN C 232 -12.55 -6.08 -15.00
CA GLN C 232 -12.00 -5.86 -16.33
C GLN C 232 -10.49 -5.72 -16.35
N ILE C 233 -9.95 -5.06 -15.33
CA ILE C 233 -8.52 -4.82 -15.25
C ILE C 233 -7.74 -6.05 -14.76
N LEU C 234 -8.34 -6.84 -13.86
CA LEU C 234 -7.62 -7.91 -13.17
C LEU C 234 -6.75 -8.85 -14.04
N PRO C 235 -7.31 -9.45 -15.11
CA PRO C 235 -6.53 -10.44 -15.87
C PRO C 235 -5.26 -9.82 -16.46
N THR C 236 -5.29 -8.53 -16.78
CA THR C 236 -4.11 -7.83 -17.28
C THR C 236 -3.10 -7.62 -16.16
N LEU C 237 -3.59 -7.20 -14.98
CA LEU C 237 -2.74 -7.11 -13.79
C LEU C 237 -2.06 -8.44 -13.45
N VAL C 238 -2.82 -9.53 -13.47
CA VAL C 238 -2.26 -10.84 -13.14
C VAL C 238 -1.07 -11.13 -14.06
N ARG C 239 -1.22 -10.75 -15.32
CA ARG C 239 -0.18 -10.95 -16.32
C ARG C 239 1.04 -10.03 -16.07
N LEU C 240 0.80 -8.76 -15.75
CA LEU C 240 1.89 -7.85 -15.40
C LEU C 240 2.66 -8.33 -14.16
N LEU C 241 1.95 -8.99 -13.24
CA LEU C 241 2.54 -9.50 -12.00
C LEU C 241 3.55 -10.61 -12.30
N HIS C 242 3.48 -11.16 -13.51
CA HIS C 242 4.43 -12.21 -13.92
C HIS C 242 5.53 -11.68 -14.85
N HIS C 243 5.55 -10.37 -15.09
CA HIS C 243 6.57 -9.77 -15.95
C HIS C 243 7.93 -9.68 -15.25
N ASN C 244 9.02 -9.60 -16.02
CA ASN C 244 10.38 -9.62 -15.44
C ASN C 244 10.96 -8.27 -14.96
N ASP C 245 10.28 -7.17 -15.26
CA ASP C 245 10.81 -5.85 -14.91
C ASP C 245 10.48 -5.43 -13.49
N PRO C 246 11.50 -5.04 -12.71
CA PRO C 246 11.34 -4.71 -11.29
C PRO C 246 10.30 -3.61 -11.05
N GLU C 247 10.25 -2.60 -11.92
CA GLU C 247 9.29 -1.51 -11.73
C GLU C 247 7.86 -1.93 -12.05
N VAL C 248 7.69 -2.68 -13.13
CA VAL C 248 6.36 -3.20 -13.46
C VAL C 248 5.86 -4.09 -12.31
N LEU C 249 6.75 -4.95 -11.82
CA LEU C 249 6.45 -5.83 -10.70
C LEU C 249 6.01 -5.05 -9.46
N ALA C 250 6.80 -4.04 -9.07
CA ALA C 250 6.42 -3.19 -7.94
C ALA C 250 5.03 -2.58 -8.13
N ASP C 251 4.81 -1.92 -9.26
CA ASP C 251 3.56 -1.22 -9.47
C ASP C 251 2.38 -2.17 -9.57
N SER C 252 2.62 -3.37 -10.08
CA SER C 252 1.57 -4.37 -10.14
C SER C 252 1.21 -4.79 -8.74
N CYS C 253 2.23 -4.93 -7.89
CA CYS C 253 2.01 -5.28 -6.49
C CYS C 253 1.25 -4.17 -5.77
N TRP C 254 1.63 -2.91 -6.02
CA TRP C 254 0.89 -1.79 -5.44
C TRP C 254 -0.59 -1.90 -5.83
N ALA C 255 -0.85 -2.17 -7.11
CA ALA C 255 -2.22 -2.31 -7.60
C ALA C 255 -3.00 -3.37 -6.83
N ILE C 256 -2.38 -4.54 -6.67
CA ILE C 256 -2.99 -5.63 -5.93
C ILE C 256 -3.16 -5.22 -4.47
N SER C 257 -2.22 -4.47 -3.93
CA SER C 257 -2.35 -4.02 -2.54
C SER C 257 -3.58 -3.12 -2.38
N TYR C 258 -3.82 -2.26 -3.36
CA TYR C 258 -4.99 -1.37 -3.33
C TYR C 258 -6.29 -2.16 -3.37
N LEU C 259 -6.38 -3.06 -4.34
CA LEU C 259 -7.61 -3.84 -4.53
C LEU C 259 -7.96 -4.69 -3.30
N THR C 260 -6.95 -5.15 -2.57
CA THR C 260 -7.20 -6.01 -1.40
C THR C 260 -7.42 -5.22 -0.10
N ASP C 261 -7.27 -3.90 -0.20
CA ASP C 261 -7.52 -3.03 0.94
C ASP C 261 -9.01 -2.70 1.00
N GLY C 262 -9.79 -3.54 1.66
CA GLY C 262 -11.24 -3.34 1.75
C GLY C 262 -11.97 -4.55 2.32
N PRO C 263 -13.27 -4.68 2.01
CA PRO C 263 -14.09 -5.79 2.51
C PRO C 263 -13.72 -7.11 1.82
N ASN C 264 -14.06 -8.24 2.47
CA ASN C 264 -13.58 -9.55 2.02
C ASN C 264 -13.96 -9.91 0.59
N GLU C 265 -14.99 -9.25 0.07
CA GLU C 265 -15.48 -9.52 -1.27
C GLU C 265 -14.51 -8.99 -2.33
N ARG C 266 -13.83 -7.89 -2.02
CA ARG C 266 -12.79 -7.38 -2.89
C ARG C 266 -11.58 -8.31 -2.84
N ILE C 267 -11.18 -8.68 -1.63
CA ILE C 267 -10.09 -9.62 -1.41
C ILE C 267 -10.34 -10.93 -2.16
N GLU C 268 -11.57 -11.41 -2.11
CA GLU C 268 -11.94 -12.67 -2.76
C GLU C 268 -11.75 -12.65 -4.28
N MET C 269 -12.12 -11.54 -4.91
CA MET C 269 -11.91 -11.36 -6.34
C MET C 269 -10.44 -11.58 -6.70
N VAL C 270 -9.56 -11.06 -5.85
CA VAL C 270 -8.13 -11.16 -6.11
C VAL C 270 -7.64 -12.58 -5.86
N VAL C 271 -7.98 -13.12 -4.70
CA VAL C 271 -7.56 -14.46 -4.30
C VAL C 271 -8.01 -15.49 -5.33
N LYS C 272 -9.24 -15.37 -5.80
CA LYS C 272 -9.77 -16.35 -6.75
C LYS C 272 -9.08 -16.30 -8.12
N LYS C 273 -8.28 -15.26 -8.36
CA LYS C 273 -7.49 -15.18 -9.58
C LYS C 273 -6.21 -16.01 -9.47
N GLY C 274 -5.90 -16.48 -8.26
CA GLY C 274 -4.74 -17.33 -8.04
C GLY C 274 -3.39 -16.62 -7.97
N VAL C 275 -3.40 -15.35 -7.54
CA VAL C 275 -2.16 -14.58 -7.49
C VAL C 275 -1.36 -14.73 -6.19
N VAL C 276 -1.96 -15.36 -5.19
CA VAL C 276 -1.30 -15.51 -3.88
C VAL C 276 0.10 -16.14 -3.95
N PRO C 277 0.25 -17.28 -4.66
CA PRO C 277 1.61 -17.85 -4.71
C PRO C 277 2.61 -16.90 -5.33
N GLN C 278 2.19 -16.16 -6.36
CA GLN C 278 3.05 -15.21 -7.02
C GLN C 278 3.37 -14.03 -6.10
N LEU C 279 2.37 -13.61 -5.32
CA LEU C 279 2.64 -12.58 -4.30
C LEU C 279 3.68 -13.08 -3.28
N VAL C 280 3.53 -14.32 -2.85
CA VAL C 280 4.47 -14.91 -1.90
C VAL C 280 5.90 -14.97 -2.47
N LYS C 281 6.03 -15.41 -3.71
CA LYS C 281 7.32 -15.35 -4.39
C LYS C 281 7.89 -13.92 -4.38
N LEU C 282 7.05 -12.93 -4.70
CA LEU C 282 7.54 -11.56 -4.75
C LEU C 282 7.89 -11.05 -3.35
N LEU C 283 7.26 -11.64 -2.33
CA LEU C 283 7.61 -11.34 -0.93
C LEU C 283 9.07 -11.62 -0.66
N GLY C 284 9.63 -12.59 -1.38
CA GLY C 284 11.02 -12.98 -1.18
C GLY C 284 12.01 -12.28 -2.08
N ALA C 285 11.58 -11.24 -2.79
CA ALA C 285 12.48 -10.52 -3.69
C ALA C 285 13.57 -9.76 -2.92
N THR C 286 14.65 -9.44 -3.63
CA THR C 286 15.75 -8.69 -3.04
C THR C 286 15.44 -7.20 -3.06
N GLU C 287 14.59 -6.79 -4.00
CA GLU C 287 14.26 -5.37 -4.17
C GLU C 287 13.20 -4.93 -3.17
N LEU C 288 13.59 -4.02 -2.27
CA LEU C 288 12.65 -3.40 -1.34
C LEU C 288 11.39 -2.78 -1.98
N PRO C 289 11.53 -2.14 -3.15
CA PRO C 289 10.28 -1.60 -3.68
C PRO C 289 9.29 -2.66 -4.21
N ILE C 290 9.74 -3.91 -4.33
CA ILE C 290 8.82 -4.99 -4.65
C ILE C 290 8.28 -5.63 -3.36
N VAL C 291 9.17 -5.90 -2.42
CA VAL C 291 8.78 -6.51 -1.16
C VAL C 291 7.72 -5.69 -0.43
N THR C 292 7.89 -4.37 -0.43
CA THR C 292 6.97 -3.52 0.30
C THR C 292 5.50 -3.71 -0.12
N PRO C 293 5.16 -3.46 -1.40
CA PRO C 293 3.74 -3.64 -1.77
C PRO C 293 3.29 -5.11 -1.76
N ALA C 294 4.20 -6.03 -2.00
CA ALA C 294 3.87 -7.46 -1.87
C ALA C 294 3.48 -7.79 -0.43
N LEU C 295 4.27 -7.34 0.53
CA LEU C 295 3.92 -7.57 1.94
C LEU C 295 2.60 -6.91 2.32
N ARG C 296 2.35 -5.68 1.86
CA ARG C 296 1.08 -5.00 2.14
C ARG C 296 -0.10 -5.80 1.60
N ALA C 297 0.04 -6.33 0.40
CA ALA C 297 -1.05 -7.10 -0.22
C ALA C 297 -1.32 -8.37 0.59
N ILE C 298 -0.25 -9.05 1.00
CA ILE C 298 -0.39 -10.24 1.81
C ILE C 298 -1.04 -9.91 3.16
N GLY C 299 -0.65 -8.77 3.75
CA GLY C 299 -1.22 -8.33 5.01
C GLY C 299 -2.71 -8.07 4.86
N ASN C 300 -3.07 -7.40 3.77
CA ASN C 300 -4.47 -7.16 3.44
C ASN C 300 -5.30 -8.43 3.36
N ILE C 301 -4.79 -9.43 2.64
CA ILE C 301 -5.50 -10.69 2.47
C ILE C 301 -5.77 -11.43 3.80
N VAL C 302 -4.86 -11.32 4.76
CA VAL C 302 -5.06 -12.02 6.02
C VAL C 302 -5.93 -11.26 7.01
N THR C 303 -6.45 -10.10 6.60
CA THR C 303 -7.47 -9.40 7.38
C THR C 303 -8.82 -10.05 7.08
N GLY C 304 -8.85 -10.87 6.03
CA GLY C 304 -10.09 -11.49 5.57
C GLY C 304 -10.48 -12.75 6.33
N THR C 305 -11.17 -13.67 5.65
CA THR C 305 -11.67 -14.87 6.30
C THR C 305 -10.54 -15.81 6.67
N ASP C 306 -10.86 -16.80 7.48
CA ASP C 306 -9.90 -17.84 7.85
C ASP C 306 -9.46 -18.60 6.60
N GLU C 307 -10.40 -18.79 5.68
CA GLU C 307 -10.15 -19.46 4.41
C GLU C 307 -9.14 -18.70 3.53
N GLN C 308 -9.32 -17.38 3.44
CA GLN C 308 -8.40 -16.54 2.66
C GLN C 308 -7.03 -16.53 3.32
N THR C 309 -7.03 -16.52 4.65
CA THR C 309 -5.77 -16.54 5.40
C THR C 309 -5.05 -17.87 5.16
N GLN C 310 -5.81 -18.94 4.98
CA GLN C 310 -5.23 -20.27 4.77
C GLN C 310 -4.48 -20.35 3.43
N LYS C 311 -4.97 -19.62 2.43
CA LYS C 311 -4.29 -19.62 1.13
C LYS C 311 -2.91 -18.97 1.17
N VAL C 312 -2.76 -17.96 2.01
CA VAL C 312 -1.48 -17.30 2.20
C VAL C 312 -0.51 -18.28 2.85
N ILE C 313 -1.01 -19.01 3.86
CA ILE C 313 -0.20 -20.02 4.54
C ILE C 313 0.15 -21.18 3.61
N ASP C 314 -0.85 -21.67 2.87
CA ASP C 314 -0.63 -22.79 1.95
C ASP C 314 0.39 -22.46 0.87
N ALA C 315 0.49 -21.17 0.53
CA ALA C 315 1.43 -20.72 -0.49
C ALA C 315 2.86 -20.57 0.04
N GLY C 316 3.04 -20.73 1.35
CA GLY C 316 4.39 -20.74 1.91
C GLY C 316 4.84 -19.41 2.49
N ALA C 317 3.91 -18.51 2.76
CA ALA C 317 4.29 -17.18 3.23
C ALA C 317 5.09 -17.18 4.55
N LEU C 318 4.70 -18.04 5.49
CA LEU C 318 5.33 -18.06 6.81
C LEU C 318 6.85 -18.29 6.76
N ALA C 319 7.33 -18.93 5.69
CA ALA C 319 8.76 -19.23 5.57
C ALA C 319 9.60 -17.99 5.31
N VAL C 320 8.96 -16.91 4.86
CA VAL C 320 9.69 -15.68 4.59
C VAL C 320 9.75 -14.80 5.83
N PHE C 321 8.85 -15.06 6.77
CA PHE C 321 8.77 -14.24 7.97
C PHE C 321 10.00 -14.17 8.90
N PRO C 322 10.82 -15.25 8.97
CA PRO C 322 12.06 -15.05 9.73
C PRO C 322 12.86 -13.84 9.23
N SER C 323 12.93 -13.64 7.91
CA SER C 323 13.63 -12.46 7.36
C SER C 323 12.85 -11.17 7.56
N LEU C 324 11.55 -11.22 7.30
CA LEU C 324 10.68 -10.06 7.39
C LEU C 324 10.66 -9.49 8.80
N LEU C 325 10.62 -10.38 9.79
CA LEU C 325 10.51 -9.98 11.19
C LEU C 325 11.84 -9.50 11.74
N THR C 326 12.91 -9.71 10.94
CA THR C 326 14.21 -9.17 11.28
C THR C 326 14.71 -8.17 10.25
N ASN C 327 13.82 -7.73 9.36
CA ASN C 327 14.19 -6.78 8.31
C ASN C 327 14.71 -5.44 8.85
N PRO C 328 15.82 -4.94 8.29
CA PRO C 328 16.38 -3.70 8.82
C PRO C 328 15.55 -2.48 8.45
N LYS C 329 14.58 -2.63 7.55
CA LYS C 329 13.67 -1.52 7.29
C LYS C 329 12.51 -1.56 8.28
N THR C 330 12.35 -0.47 9.05
CA THR C 330 11.36 -0.42 10.13
C THR C 330 9.94 -0.73 9.68
N ASN C 331 9.53 -0.11 8.59
CA ASN C 331 8.18 -0.31 8.07
C ASN C 331 7.90 -1.74 7.60
N ILE C 332 8.92 -2.45 7.10
CA ILE C 332 8.73 -3.86 6.72
C ILE C 332 8.51 -4.69 7.98
N GLN C 333 9.29 -4.40 9.02
CA GLN C 333 9.22 -5.18 10.26
C GLN C 333 7.87 -4.97 10.94
N LYS C 334 7.43 -3.71 10.96
CA LYS C 334 6.15 -3.37 11.55
C LYS C 334 4.99 -4.00 10.79
N GLU C 335 5.00 -3.88 9.46
CA GLU C 335 3.93 -4.46 8.64
C GLU C 335 3.89 -5.97 8.77
N ALA C 336 5.07 -6.60 8.78
CA ALA C 336 5.18 -8.04 8.95
C ALA C 336 4.65 -8.50 10.31
N THR C 337 4.88 -7.70 11.34
CA THR C 337 4.44 -8.08 12.69
C THR C 337 2.92 -7.91 12.80
N TRP C 338 2.40 -6.85 12.18
CA TRP C 338 0.96 -6.65 12.09
C TRP C 338 0.29 -7.86 11.44
N THR C 339 0.87 -8.30 10.32
CA THR C 339 0.36 -9.46 9.60
C THR C 339 0.40 -10.71 10.49
N MET C 340 1.50 -10.89 11.22
CA MET C 340 1.57 -11.98 12.18
C MET C 340 0.41 -11.96 13.19
N SER C 341 0.08 -10.78 13.70
CA SER C 341 -0.97 -10.64 14.70
C SER C 341 -2.32 -11.06 14.14
N ASN C 342 -2.55 -10.76 12.87
CA ASN C 342 -3.78 -11.17 12.22
C ASN C 342 -3.81 -12.65 11.90
N ILE C 343 -2.63 -13.24 11.74
CA ILE C 343 -2.56 -14.69 11.59
C ILE C 343 -2.80 -15.39 12.93
N THR C 344 -2.21 -14.87 14.00
CA THR C 344 -2.44 -15.43 15.34
C THR C 344 -3.88 -15.20 15.83
N ALA C 345 -4.65 -14.41 15.09
CA ALA C 345 -6.07 -14.23 15.37
C ALA C 345 -6.91 -15.27 14.62
N GLY C 346 -6.23 -16.18 13.92
CA GLY C 346 -6.93 -17.19 13.14
C GLY C 346 -7.24 -18.46 13.93
N ARG C 347 -7.52 -19.55 13.21
CA ARG C 347 -7.83 -20.82 13.85
C ARG C 347 -6.61 -21.39 14.60
N GLN C 348 -6.85 -22.42 15.40
CA GLN C 348 -5.79 -23.07 16.15
C GLN C 348 -4.77 -23.73 15.23
N ASP C 349 -5.25 -24.40 14.18
CA ASP C 349 -4.34 -25.04 13.23
C ASP C 349 -3.44 -24.00 12.54
N GLN C 350 -3.96 -22.78 12.42
CA GLN C 350 -3.17 -21.70 11.83
C GLN C 350 -2.17 -21.14 12.85
N ILE C 351 -2.56 -21.12 14.12
CA ILE C 351 -1.59 -20.82 15.18
C ILE C 351 -0.51 -21.89 15.17
N GLN C 352 -0.91 -23.13 14.88
CA GLN C 352 0.04 -24.24 14.91
C GLN C 352 1.09 -24.10 13.81
N GLN C 353 0.68 -23.60 12.65
CA GLN C 353 1.64 -23.42 11.56
C GLN C 353 2.62 -22.29 11.87
N VAL C 354 2.15 -21.30 12.63
CA VAL C 354 3.05 -20.25 13.10
C VAL C 354 4.11 -20.93 13.99
N VAL C 355 3.66 -21.77 14.91
CA VAL C 355 4.59 -22.53 15.76
C VAL C 355 5.54 -23.40 14.93
N ASN C 356 5.01 -24.17 13.99
CA ASN C 356 5.82 -25.11 13.23
C ASN C 356 6.93 -24.41 12.45
N HIS C 357 6.65 -23.20 11.99
CA HIS C 357 7.59 -22.46 11.17
C HIS C 357 8.59 -21.71 12.04
N GLY C 358 8.55 -21.97 13.35
CA GLY C 358 9.54 -21.43 14.27
C GLY C 358 9.42 -19.93 14.49
N LEU C 359 8.21 -19.41 14.34
CA LEU C 359 7.99 -17.96 14.33
C LEU C 359 7.75 -17.39 15.72
N VAL C 360 7.49 -18.26 16.70
CA VAL C 360 7.29 -17.76 18.05
C VAL C 360 8.54 -17.08 18.61
N PRO C 361 9.73 -17.70 18.44
CA PRO C 361 10.93 -17.00 18.89
C PRO C 361 11.17 -15.67 18.18
N PHE C 362 10.77 -15.57 16.92
CA PHE C 362 10.88 -14.28 16.23
C PHE C 362 9.96 -13.26 16.87
N LEU C 363 8.79 -13.70 17.33
CA LEU C 363 7.90 -12.77 18.02
C LEU C 363 8.47 -12.34 19.38
N VAL C 364 9.11 -13.28 20.07
CA VAL C 364 9.78 -12.95 21.32
C VAL C 364 10.88 -11.91 21.05
N GLY C 365 11.60 -12.12 19.96
CA GLY C 365 12.65 -11.20 19.54
C GLY C 365 12.11 -9.80 19.29
N VAL C 366 11.04 -9.72 18.51
CA VAL C 366 10.43 -8.44 18.18
C VAL C 366 9.93 -7.76 19.45
N LEU C 367 9.34 -8.54 20.35
CA LEU C 367 8.85 -8.02 21.61
C LEU C 367 10.02 -7.55 22.49
N SER C 368 11.15 -8.23 22.39
CA SER C 368 12.31 -7.90 23.21
C SER C 368 12.98 -6.61 22.76
N LYS C 369 13.08 -6.44 21.44
CA LYS C 369 13.76 -5.27 20.89
C LYS C 369 13.24 -4.98 19.50
N ALA C 370 12.68 -3.77 19.34
CA ALA C 370 12.18 -3.30 18.06
C ALA C 370 11.70 -1.86 18.23
N ASP C 371 11.42 -1.20 17.12
CA ASP C 371 10.70 0.08 17.15
C ASP C 371 9.41 -0.13 17.95
N PHE C 372 9.02 0.84 18.76
CA PHE C 372 7.90 0.65 19.69
C PHE C 372 6.59 0.26 19.01
N LYS C 373 6.32 0.82 17.84
CA LYS C 373 5.09 0.52 17.12
C LYS C 373 5.08 -0.91 16.61
N THR C 374 6.26 -1.46 16.34
CA THR C 374 6.37 -2.86 16.00
C THR C 374 6.16 -3.74 17.24
N GLN C 375 6.73 -3.30 18.37
CA GLN C 375 6.54 -4.00 19.63
C GLN C 375 5.06 -4.03 19.99
N LYS C 376 4.36 -2.95 19.64
CA LYS C 376 2.92 -2.85 19.90
C LYS C 376 2.18 -3.91 19.12
N GLU C 377 2.51 -4.05 17.83
CA GLU C 377 1.92 -5.11 17.01
C GLU C 377 2.27 -6.50 17.54
N ALA C 378 3.49 -6.66 18.07
CA ALA C 378 3.88 -7.96 18.61
C ALA C 378 3.04 -8.32 19.82
N ALA C 379 2.78 -7.34 20.68
CA ALA C 379 1.91 -7.57 21.83
C ALA C 379 0.53 -8.01 21.35
N TRP C 380 0.01 -7.34 20.33
CA TRP C 380 -1.27 -7.73 19.75
C TRP C 380 -1.19 -9.17 19.23
N ALA C 381 -0.09 -9.51 18.58
CA ALA C 381 0.12 -10.88 18.09
C ALA C 381 0.04 -11.92 19.22
N ILE C 382 0.60 -11.56 20.37
CA ILE C 382 0.61 -12.45 21.54
C ILE C 382 -0.78 -12.59 22.17
N THR C 383 -1.45 -11.47 22.41
CA THR C 383 -2.77 -11.52 23.01
C THR C 383 -3.74 -12.31 22.14
N ASN C 384 -3.70 -12.08 20.83
CA ASN C 384 -4.47 -12.88 19.88
C ASN C 384 -4.12 -14.35 19.98
N TYR C 385 -2.82 -14.64 19.99
CA TYR C 385 -2.32 -16.01 20.18
C TYR C 385 -2.91 -16.62 21.45
N THR C 386 -2.84 -15.88 22.55
CA THR C 386 -3.24 -16.43 23.85
C THR C 386 -4.75 -16.49 24.00
N SER C 387 -5.46 -15.72 23.18
CA SER C 387 -6.92 -15.77 23.16
C SER C 387 -7.45 -16.95 22.37
N GLY C 388 -6.82 -17.26 21.24
CA GLY C 388 -7.33 -18.33 20.38
C GLY C 388 -6.60 -19.66 20.49
N GLY C 389 -5.43 -19.66 21.13
CA GLY C 389 -4.62 -20.85 21.18
C GLY C 389 -5.07 -21.92 22.16
N THR C 390 -4.53 -23.13 22.00
CA THR C 390 -4.74 -24.20 22.97
C THR C 390 -3.85 -24.00 24.19
N VAL C 391 -4.10 -24.78 25.22
CA VAL C 391 -3.27 -24.79 26.40
C VAL C 391 -1.82 -25.10 26.02
N GLU C 392 -1.66 -26.16 25.23
CA GLU C 392 -0.33 -26.59 24.78
C GLU C 392 0.38 -25.47 24.06
N GLN C 393 -0.32 -24.79 23.16
CA GLN C 393 0.28 -23.71 22.37
C GLN C 393 0.67 -22.53 23.26
N ILE C 394 -0.14 -22.27 24.29
CA ILE C 394 0.12 -21.17 25.21
C ILE C 394 1.35 -21.45 26.10
N VAL C 395 1.42 -22.69 26.61
CA VAL C 395 2.57 -23.15 27.39
C VAL C 395 3.86 -23.02 26.60
N TYR C 396 3.83 -23.46 25.34
CA TYR C 396 4.98 -23.33 24.43
C TYR C 396 5.51 -21.91 24.37
N LEU C 397 4.59 -20.95 24.38
CA LEU C 397 4.92 -19.53 24.32
C LEU C 397 5.80 -19.09 25.50
N VAL C 398 5.37 -19.46 26.71
CA VAL C 398 6.15 -19.19 27.91
C VAL C 398 7.53 -19.84 27.80
N HIS C 399 7.57 -21.09 27.36
CA HIS C 399 8.83 -21.81 27.23
C HIS C 399 9.78 -21.12 26.26
N CYS C 400 9.23 -20.36 25.32
CA CYS C 400 10.06 -19.62 24.36
C CYS C 400 10.54 -18.30 24.95
N GLY C 401 10.04 -17.95 26.13
CA GLY C 401 10.52 -16.80 26.86
C GLY C 401 9.68 -15.54 26.74
N ILE C 402 8.36 -15.69 26.58
CA ILE C 402 7.54 -14.52 26.31
C ILE C 402 7.36 -13.61 27.54
N ILE C 403 7.50 -14.17 28.73
CA ILE C 403 7.06 -13.45 29.92
C ILE C 403 7.89 -12.20 30.22
N GLU C 404 9.21 -12.34 30.22
CA GLU C 404 10.06 -11.22 30.56
C GLU C 404 9.91 -10.00 29.63
N PRO C 405 9.98 -10.21 28.29
CA PRO C 405 9.84 -9.01 27.45
C PRO C 405 8.44 -8.43 27.53
N LEU C 406 7.46 -9.30 27.80
CA LEU C 406 6.09 -8.86 28.04
C LEU C 406 6.05 -7.94 29.26
N MET C 407 6.61 -8.40 30.36
CA MET C 407 6.65 -7.63 31.59
C MET C 407 7.37 -6.30 31.42
N ASN C 408 8.47 -6.29 30.66
CA ASN C 408 9.23 -5.06 30.46
C ASN C 408 8.45 -3.96 29.74
N LEU C 409 7.55 -4.36 28.86
CA LEU C 409 6.73 -3.39 28.13
C LEU C 409 5.63 -2.77 29.00
N LEU C 410 5.48 -3.24 30.23
CA LEU C 410 4.50 -2.68 31.16
C LEU C 410 4.92 -1.29 31.63
N SER C 411 6.17 -0.93 31.42
CA SER C 411 6.68 0.38 31.80
C SER C 411 6.29 1.44 30.77
N ALA C 412 5.78 0.99 29.63
CA ALA C 412 5.47 1.86 28.50
C ALA C 412 4.50 3.00 28.82
N LYS C 413 4.58 4.07 28.02
CA LYS C 413 3.72 5.23 28.18
C LYS C 413 2.59 5.23 27.17
N ASP C 414 2.10 4.03 26.84
CA ASP C 414 0.93 3.89 25.98
C ASP C 414 -0.11 3.01 26.66
N THR C 415 -1.31 3.55 26.81
CA THR C 415 -2.36 2.86 27.56
C THR C 415 -2.87 1.60 26.87
N LYS C 416 -3.01 1.64 25.55
CA LYS C 416 -3.58 0.50 24.82
C LYS C 416 -2.70 -0.75 24.89
N ILE C 417 -1.38 -0.59 24.77
CA ILE C 417 -0.49 -1.74 24.85
C ILE C 417 -0.49 -2.33 26.27
N ILE C 418 -0.69 -1.48 27.27
CA ILE C 418 -0.81 -1.95 28.64
C ILE C 418 -2.05 -2.85 28.74
N GLN C 419 -3.15 -2.37 28.16
CA GLN C 419 -4.38 -3.14 28.08
C GLN C 419 -4.17 -4.46 27.35
N VAL C 420 -3.55 -4.40 26.18
CA VAL C 420 -3.29 -5.60 25.38
C VAL C 420 -2.45 -6.62 26.16
N ILE C 421 -1.39 -6.15 26.80
CA ILE C 421 -0.50 -7.02 27.58
C ILE C 421 -1.20 -7.67 28.77
N LEU C 422 -1.90 -6.87 29.57
CA LEU C 422 -2.62 -7.38 30.73
C LEU C 422 -3.62 -8.45 30.34
N ASP C 423 -4.26 -8.26 29.18
CA ASP C 423 -5.14 -9.29 28.62
C ASP C 423 -4.37 -10.57 28.34
N ALA C 424 -3.22 -10.45 27.69
CA ALA C 424 -2.39 -11.60 27.35
C ALA C 424 -1.99 -12.42 28.58
N ILE C 425 -1.41 -11.78 29.59
CA ILE C 425 -1.01 -12.49 30.82
C ILE C 425 -2.22 -13.09 31.51
N SER C 426 -3.36 -12.41 31.42
CA SER C 426 -4.59 -12.95 31.95
C SER C 426 -4.95 -14.27 31.26
N ASN C 427 -4.81 -14.29 29.93
CA ASN C 427 -5.10 -15.49 29.16
C ASN C 427 -4.14 -16.63 29.51
N ILE C 428 -2.88 -16.27 29.75
CA ILE C 428 -1.86 -17.25 30.07
C ILE C 428 -2.09 -17.86 31.45
N PHE C 429 -2.56 -17.05 32.40
CA PHE C 429 -2.95 -17.58 33.70
C PHE C 429 -4.12 -18.55 33.58
N GLN C 430 -5.11 -18.18 32.76
CA GLN C 430 -6.27 -19.02 32.53
C GLN C 430 -5.89 -20.36 31.94
N ALA C 431 -4.72 -20.41 31.29
CA ALA C 431 -4.19 -21.66 30.78
C ALA C 431 -3.42 -22.40 31.87
N ALA C 432 -2.79 -21.64 32.77
CA ALA C 432 -2.04 -22.23 33.88
C ALA C 432 -2.94 -22.95 34.88
N GLU C 433 -4.19 -22.49 35.01
CA GLU C 433 -5.16 -23.10 35.91
C GLU C 433 -5.45 -24.54 35.50
N LYS C 434 -5.69 -24.74 34.21
CA LYS C 434 -6.01 -26.06 33.67
C LYS C 434 -4.84 -27.03 33.76
N LEU C 435 -3.81 -26.64 34.49
CA LEU C 435 -2.62 -27.46 34.66
C LEU C 435 -2.19 -27.50 36.12
N GLY C 436 -2.84 -26.69 36.95
CA GLY C 436 -2.49 -26.60 38.36
C GLY C 436 -1.16 -25.92 38.58
N GLU C 437 -0.64 -25.27 37.55
CA GLU C 437 0.68 -24.65 37.61
C GLU C 437 0.62 -23.12 37.57
N THR C 438 -0.40 -22.55 38.18
CA THR C 438 -0.51 -21.10 38.27
C THR C 438 0.57 -20.54 39.20
N GLU C 439 1.03 -21.37 40.14
CA GLU C 439 2.02 -20.94 41.12
C GLU C 439 3.37 -20.67 40.46
N LYS C 440 3.78 -21.54 39.54
CA LYS C 440 5.05 -21.38 38.85
C LYS C 440 5.10 -20.07 38.04
N LEU C 441 3.95 -19.67 37.51
CA LEU C 441 3.87 -18.47 36.66
C LEU C 441 3.98 -17.21 37.50
N SER C 442 3.30 -17.21 38.64
CA SER C 442 3.37 -16.10 39.58
C SER C 442 4.82 -15.78 39.93
N ILE C 443 5.59 -16.82 40.23
CA ILE C 443 7.00 -16.67 40.59
C ILE C 443 7.83 -16.13 39.44
N MET C 444 7.65 -16.73 38.25
CA MET C 444 8.33 -16.27 37.03
C MET C 444 8.10 -14.79 36.82
N ILE C 445 6.84 -14.36 36.95
CA ILE C 445 6.47 -12.96 36.78
C ILE C 445 7.02 -12.10 37.92
N GLU C 446 7.11 -12.67 39.11
CA GLU C 446 7.69 -11.98 40.26
C GLU C 446 9.20 -11.79 40.05
N GLU C 447 9.86 -12.83 39.56
CA GLU C 447 11.31 -12.80 39.37
C GLU C 447 11.80 -11.79 38.34
N CYS C 448 11.10 -11.65 37.22
CA CYS C 448 11.55 -10.72 36.18
C CYS C 448 11.11 -9.29 36.47
N GLY C 449 10.69 -9.05 37.71
CA GLY C 449 10.30 -7.73 38.14
C GLY C 449 8.92 -7.32 37.63
N GLY C 450 8.13 -8.32 37.23
CA GLY C 450 6.81 -8.06 36.68
C GLY C 450 5.79 -7.63 37.71
N LEU C 451 5.80 -8.28 38.88
CA LEU C 451 4.80 -8.00 39.91
C LEU C 451 4.88 -6.55 40.39
N ASP C 452 6.10 -6.04 40.53
CA ASP C 452 6.30 -4.64 40.89
C ASP C 452 5.58 -3.75 39.87
N LYS C 453 5.71 -4.11 38.59
CA LYS C 453 5.09 -3.37 37.50
C LYS C 453 3.57 -3.44 37.54
N ILE C 454 3.03 -4.60 37.89
CA ILE C 454 1.58 -4.76 37.97
C ILE C 454 0.98 -4.05 39.17
N GLU C 455 1.67 -4.08 40.31
CA GLU C 455 1.24 -3.33 41.49
C GLU C 455 1.05 -1.87 41.13
N ALA C 456 2.06 -1.29 40.50
CA ALA C 456 2.03 0.11 40.13
C ALA C 456 0.86 0.45 39.21
N LEU C 457 0.41 -0.54 38.45
CA LEU C 457 -0.71 -0.36 37.52
C LEU C 457 -2.06 -0.33 38.24
N GLN C 458 -2.09 -0.71 39.51
CA GLN C 458 -3.32 -0.66 40.31
C GLN C 458 -3.71 0.79 40.59
N ARG C 459 -2.74 1.70 40.49
CA ARG C 459 -2.99 3.11 40.70
C ARG C 459 -2.75 3.90 39.41
N HIS C 460 -3.29 3.37 38.31
CA HIS C 460 -3.11 3.99 37.00
C HIS C 460 -4.28 4.90 36.68
N GLU C 461 -4.05 5.87 35.80
CA GLU C 461 -5.08 6.81 35.38
C GLU C 461 -6.30 6.07 34.85
N ASN C 462 -6.10 5.32 33.78
CA ASN C 462 -7.19 4.57 33.16
C ASN C 462 -7.84 3.56 34.10
N GLU C 463 -9.05 3.15 33.75
CA GLU C 463 -9.84 2.28 34.62
C GLU C 463 -9.86 0.83 34.16
N SER C 464 -9.82 0.61 32.84
CA SER C 464 -9.67 -0.75 32.33
C SER C 464 -8.36 -1.28 32.87
N VAL C 465 -7.39 -0.39 33.02
CA VAL C 465 -6.07 -0.74 33.52
C VAL C 465 -6.05 -1.09 35.02
N TYR C 466 -6.49 -0.16 35.88
CA TYR C 466 -6.36 -0.38 37.32
C TYR C 466 -7.17 -1.58 37.83
N LYS C 467 -8.24 -1.92 37.12
CA LYS C 467 -9.04 -3.10 37.46
C LYS C 467 -8.33 -4.39 37.10
N ALA C 468 -8.03 -4.56 35.81
CA ALA C 468 -7.35 -5.74 35.30
C ALA C 468 -6.10 -6.10 36.11
N SER C 469 -5.37 -5.07 36.53
CA SER C 469 -4.23 -5.24 37.41
C SER C 469 -4.66 -5.88 38.72
N LEU C 470 -5.39 -5.12 39.54
CA LEU C 470 -5.91 -5.60 40.82
C LEU C 470 -6.59 -6.96 40.69
N ASN C 471 -7.31 -7.17 39.60
CA ASN C 471 -7.94 -8.45 39.30
C ASN C 471 -6.90 -9.57 39.27
N LEU C 472 -5.85 -9.39 38.47
CA LEU C 472 -4.73 -10.34 38.41
C LEU C 472 -4.10 -10.55 39.77
N ILE C 473 -4.00 -9.47 40.54
CA ILE C 473 -3.36 -9.51 41.85
C ILE C 473 -4.11 -10.41 42.83
N GLU C 474 -5.38 -10.12 43.05
CA GLU C 474 -6.18 -10.84 44.04
C GLU C 474 -6.36 -12.32 43.71
N LYS C 475 -6.33 -12.67 42.43
CA LYS C 475 -6.53 -14.07 42.03
C LYS C 475 -5.25 -14.92 42.01
N TYR C 476 -4.12 -14.32 41.66
CA TYR C 476 -2.89 -15.10 41.45
C TYR C 476 -1.69 -14.74 42.34
N PHE C 477 -1.69 -13.54 42.90
CA PHE C 477 -0.57 -13.10 43.72
C PHE C 477 -0.93 -12.90 45.19
N SER C 478 -1.98 -13.57 45.65
CA SER C 478 -2.40 -13.48 47.05
C SER C 478 -2.74 -14.84 47.65
#